data_4JT8
#
_entry.id   4JT8
#
_cell.length_a   117.280
_cell.length_b   117.280
_cell.length_c   45.590
_cell.angle_alpha   90.00
_cell.angle_beta   90.00
_cell.angle_gamma   120.00
#
_symmetry.space_group_name_H-M   'P 65'
#
loop_
_entity.id
_entity.type
_entity.pdbx_description
1 polymer 'NAD-dependent protein deacetylase sirtuin-3, mitochondrial'
2 non-polymer 'ZINC ION'
3 non-polymer 4-(4-{2-[(2,2-dimethylpropanoyl)amino]ethyl}piperidin-1-yl)thieno[3,2-d]pyrimidine-6-carboxamide
4 water water
#
_entity_poly.entity_id   1
_entity_poly.type   'polypeptide(L)'
_entity_poly.pdbx_seq_one_letter_code
;SNASDKGKLSLQDVAELIRARACQRVVVMVGAGISTPSGIPDFRSPGSGLYSNLQQYDLPYPEAIFELPFFFHNPKPFFT
LAKELYPGNYKPNVTHYFLRLLHDKGLLLRLYTQNIDGLERVSGIPASKLVEAHGTFASATCTVCQRPFPGEDIRADVMA
DRVPRCPVCTGVVKPDIVFFGEPLPQRFLLHVVDFPMADLLLILGTSLEVEPFASLTEAVRSSVPRLLINRDLVGPLAWH
PRSRDVAQLGDVVHGVESLVELLGWTEEMRDLVQRETGKLDGPDK
;
_entity_poly.pdbx_strand_id   A
#
# COMPACT_ATOMS: atom_id res chain seq x y z
N LYS A 6 12.78 -28.25 -12.42
CA LYS A 6 12.80 -29.43 -11.49
C LYS A 6 12.68 -29.02 -10.03
N GLY A 7 11.49 -29.18 -9.45
CA GLY A 7 11.28 -28.89 -8.03
C GLY A 7 10.84 -27.46 -7.71
N LYS A 8 10.15 -27.31 -6.59
CA LYS A 8 9.70 -26.00 -6.12
C LYS A 8 10.88 -25.09 -5.82
N LEU A 9 10.73 -23.81 -6.18
CA LEU A 9 11.64 -22.78 -5.68
C LEU A 9 11.30 -22.53 -4.22
N SER A 10 12.31 -22.18 -3.41
CA SER A 10 12.06 -21.86 -2.00
C SER A 10 12.32 -20.37 -1.73
N LEU A 11 12.04 -19.94 -0.50
CA LEU A 11 12.33 -18.57 -0.09
C LEU A 11 13.82 -18.22 -0.28
N GLN A 12 14.68 -19.17 0.07
CA GLN A 12 16.14 -19.00 -0.06
C GLN A 12 16.51 -18.80 -1.52
N ASP A 13 15.87 -19.55 -2.41
CA ASP A 13 16.10 -19.44 -3.85
C ASP A 13 15.75 -18.06 -4.37
N VAL A 14 14.67 -17.47 -3.85
CA VAL A 14 14.33 -16.09 -4.23
C VAL A 14 15.38 -15.14 -3.69
N ALA A 15 15.76 -15.31 -2.42
CA ALA A 15 16.80 -14.50 -1.78
C ALA A 15 18.12 -14.51 -2.57
N GLU A 16 18.49 -15.68 -3.07
CA GLU A 16 19.71 -15.86 -3.86
C GLU A 16 19.64 -15.12 -5.20
N LEU A 17 18.48 -15.17 -5.86
CA LEU A 17 18.27 -14.44 -7.11
C LEU A 17 18.43 -12.94 -6.94
N ILE A 18 17.91 -12.42 -5.82
CA ILE A 18 18.04 -11.00 -5.48
C ILE A 18 19.49 -10.62 -5.14
N ARG A 19 20.14 -11.45 -4.32
CA ARG A 19 21.56 -11.25 -3.98
C ARG A 19 22.45 -11.19 -5.21
N ALA A 20 22.11 -11.99 -6.24
CA ALA A 20 22.83 -12.05 -7.51
C ALA A 20 22.44 -10.93 -8.48
N ARG A 21 21.39 -10.18 -8.14
CA ARG A 21 20.83 -9.17 -9.03
C ARG A 21 20.34 -9.79 -10.35
N ALA A 22 20.04 -11.09 -10.31
CA ALA A 22 19.36 -11.77 -11.40
C ALA A 22 17.90 -11.31 -11.45
N CYS A 23 17.36 -10.95 -10.29
CA CYS A 23 16.11 -10.20 -10.19
C CYS A 23 16.48 -8.79 -9.76
N GLN A 24 16.27 -7.83 -10.65
CA GLN A 24 16.58 -6.44 -10.31
C GLN A 24 15.50 -5.47 -10.75
N ARG A 25 14.41 -6.00 -11.29
CA ARG A 25 13.25 -5.17 -11.61
C ARG A 25 12.04 -5.75 -10.90
N VAL A 26 12.01 -5.53 -9.59
CA VAL A 26 10.98 -6.12 -8.73
C VAL A 26 9.70 -5.28 -8.73
N VAL A 27 8.58 -5.90 -9.07
CA VAL A 27 7.29 -5.25 -8.88
C VAL A 27 6.66 -5.79 -7.59
N VAL A 28 6.30 -4.88 -6.69
CA VAL A 28 5.73 -5.27 -5.41
C VAL A 28 4.26 -4.85 -5.34
N MET A 29 3.43 -5.74 -4.80
CA MET A 29 2.02 -5.46 -4.55
C MET A 29 1.72 -5.72 -3.08
N VAL A 30 1.18 -4.70 -2.40
CA VAL A 30 0.88 -4.80 -0.98
C VAL A 30 -0.58 -4.48 -0.66
N GLY A 31 -1.04 -5.05 0.45
CA GLY A 31 -2.38 -4.78 0.96
C GLY A 31 -2.39 -4.56 2.46
N ALA A 32 -3.57 -4.69 3.06
CA ALA A 32 -3.80 -4.34 4.47
C ALA A 32 -2.91 -5.11 5.45
N GLY A 33 -2.62 -6.37 5.11
CA GLY A 33 -1.79 -7.22 5.93
C GLY A 33 -0.42 -6.66 6.32
N ILE A 34 0.14 -5.75 5.52
CA ILE A 34 1.48 -5.24 5.88
C ILE A 34 1.42 -4.12 6.91
N SER A 35 0.23 -3.57 7.13
CA SER A 35 0.12 -2.43 8.04
C SER A 35 -0.52 -2.73 9.41
N THR A 36 -0.98 -3.96 9.62
CA THR A 36 -1.52 -4.36 10.92
C THR A 36 -0.49 -4.27 12.05
N PRO A 37 0.80 -4.63 11.79
CA PRO A 37 1.82 -4.47 12.84
C PRO A 37 2.14 -3.03 13.20
N SER A 38 1.72 -2.07 12.37
CA SER A 38 1.86 -0.65 12.68
C SER A 38 0.68 -0.16 13.52
N GLY A 39 -0.27 -1.07 13.76
CA GLY A 39 -1.45 -0.75 14.57
C GLY A 39 -2.66 -0.30 13.78
N ILE A 40 -2.67 -0.56 12.46
CA ILE A 40 -3.85 -0.32 11.63
C ILE A 40 -4.49 -1.65 11.22
N PRO A 41 -5.62 -2.00 11.84
CA PRO A 41 -6.26 -3.25 11.42
C PRO A 41 -6.90 -3.14 10.03
N ASP A 42 -7.07 -4.27 9.38
CA ASP A 42 -7.90 -4.36 8.17
C ASP A 42 -9.26 -3.78 8.54
N PHE A 43 -9.79 -2.88 7.70
CA PHE A 43 -11.05 -2.19 8.00
C PHE A 43 -12.19 -3.14 8.34
N ARG A 44 -12.12 -4.36 7.81
CA ARG A 44 -13.17 -5.37 7.99
C ARG A 44 -12.96 -6.29 9.21
N SER A 45 -11.84 -6.12 9.92
CA SER A 45 -11.57 -6.90 11.13
C SER A 45 -12.68 -6.74 12.17
N PRO A 46 -13.34 -7.85 12.54
CA PRO A 46 -14.38 -7.80 13.58
C PRO A 46 -13.81 -7.22 14.87
N GLY A 47 -14.54 -6.28 15.47
CA GLY A 47 -14.12 -5.68 16.73
C GLY A 47 -13.20 -4.48 16.59
N SER A 48 -12.01 -4.69 16.03
CA SER A 48 -10.97 -3.64 15.95
C SER A 48 -11.01 -2.76 14.69
N GLY A 49 -11.39 -3.36 13.56
CA GLY A 49 -11.37 -2.66 12.27
C GLY A 49 -12.26 -1.43 12.16
N LEU A 50 -11.94 -0.57 11.20
CA LEU A 50 -12.67 0.67 10.99
C LEU A 50 -14.17 0.47 10.74
N TYR A 51 -14.52 -0.46 9.86
CA TYR A 51 -15.92 -0.66 9.46
C TYR A 51 -16.81 -1.13 10.62
N SER A 52 -16.19 -1.54 11.73
CA SER A 52 -16.90 -1.99 12.92
C SER A 52 -17.02 -0.90 13.98
N ASN A 53 -16.78 0.34 13.59
CA ASN A 53 -16.86 1.48 14.50
C ASN A 53 -17.66 2.63 13.89
N LEU A 54 -18.87 2.31 13.44
CA LEU A 54 -19.78 3.28 12.79
C LEU A 54 -20.21 4.40 13.74
N GLN A 55 -20.54 4.02 14.97
CA GLN A 55 -20.91 4.97 16.03
C GLN A 55 -19.76 5.95 16.30
N GLN A 56 -18.54 5.43 16.32
CA GLN A 56 -17.35 6.22 16.61
C GLN A 56 -17.08 7.30 15.55
N TYR A 57 -17.56 7.09 14.32
CA TYR A 57 -17.35 8.05 13.23
C TYR A 57 -18.60 8.82 12.84
N ASP A 58 -19.74 8.49 13.47
CA ASP A 58 -21.04 9.06 13.14
C ASP A 58 -21.50 8.68 11.71
N LEU A 59 -21.36 7.41 11.39
CA LEU A 59 -21.72 6.88 10.07
C LEU A 59 -23.02 6.07 10.08
N PRO A 60 -23.85 6.20 9.04
CA PRO A 60 -25.04 5.36 8.89
C PRO A 60 -24.73 3.89 8.53
N TYR A 61 -23.63 3.66 7.82
CA TYR A 61 -23.21 2.31 7.37
C TYR A 61 -21.73 2.37 6.90
N PRO A 62 -21.04 1.22 6.81
CA PRO A 62 -19.57 1.20 6.59
C PRO A 62 -19.08 1.97 5.35
N GLU A 63 -19.63 1.62 4.19
CA GLU A 63 -19.23 2.21 2.90
C GLU A 63 -19.32 3.74 2.85
N ALA A 64 -20.23 4.31 3.64
CA ALA A 64 -20.57 5.75 3.59
C ALA A 64 -19.35 6.67 3.70
N ILE A 65 -18.33 6.22 4.44
CA ILE A 65 -17.15 7.03 4.65
C ILE A 65 -16.36 7.22 3.35
N PHE A 66 -16.64 6.36 2.37
CA PHE A 66 -15.97 6.38 1.07
C PHE A 66 -16.94 6.55 -0.09
N GLU A 67 -18.08 7.17 0.18
CA GLU A 67 -19.06 7.48 -0.83
C GLU A 67 -19.16 8.98 -1.04
N LEU A 68 -19.18 9.40 -2.30
CA LEU A 68 -19.29 10.82 -2.64
C LEU A 68 -20.59 11.53 -2.18
N PRO A 69 -21.78 10.94 -2.45
CA PRO A 69 -23.00 11.65 -2.02
C PRO A 69 -23.06 11.86 -0.51
N PHE A 70 -22.71 10.85 0.29
CA PHE A 70 -22.62 11.05 1.73
C PHE A 70 -21.54 12.06 2.13
N PHE A 71 -20.37 11.99 1.49
CA PHE A 71 -19.31 12.96 1.74
C PHE A 71 -19.76 14.41 1.55
N PHE A 72 -20.48 14.68 0.47
CA PHE A 72 -20.96 16.04 0.22
C PHE A 72 -22.06 16.47 1.18
N HIS A 73 -22.88 15.52 1.64
CA HIS A 73 -23.84 15.80 2.68
C HIS A 73 -23.15 16.08 4.01
N ASN A 74 -22.16 15.26 4.36
CA ASN A 74 -21.43 15.41 5.63
C ASN A 74 -19.99 14.93 5.52
N PRO A 75 -19.06 15.86 5.28
CA PRO A 75 -17.64 15.52 5.13
C PRO A 75 -16.91 15.14 6.41
N LYS A 76 -17.54 15.36 7.56
CA LYS A 76 -16.83 15.26 8.85
C LYS A 76 -16.33 13.85 9.25
N PRO A 77 -17.14 12.79 9.03
CA PRO A 77 -16.62 11.44 9.29
C PRO A 77 -15.35 11.13 8.48
N PHE A 78 -15.36 11.43 7.17
CA PHE A 78 -14.16 11.18 6.37
C PHE A 78 -12.96 11.96 6.90
N PHE A 79 -13.16 13.22 7.22
CA PHE A 79 -12.08 14.03 7.78
C PHE A 79 -11.55 13.59 9.15
N THR A 80 -12.40 12.92 9.93
CA THR A 80 -11.98 12.23 11.15
C THR A 80 -10.97 11.11 10.82
N LEU A 81 -11.31 10.29 9.82
CA LEU A 81 -10.38 9.27 9.34
C LEU A 81 -9.07 9.89 8.83
N ALA A 82 -9.19 10.93 8.00
CA ALA A 82 -8.02 11.65 7.48
C ALA A 82 -7.09 12.12 8.59
N LYS A 83 -7.67 12.73 9.62
CA LYS A 83 -6.89 13.19 10.78
C LYS A 83 -6.08 12.06 11.42
N GLU A 84 -6.72 10.90 11.59
CA GLU A 84 -6.06 9.71 12.14
C GLU A 84 -4.98 9.12 11.24
N LEU A 85 -5.22 9.15 9.93
CA LEU A 85 -4.37 8.47 8.98
C LEU A 85 -3.31 9.37 8.37
N TYR A 86 -3.43 10.67 8.60
CA TYR A 86 -2.44 11.63 8.10
C TYR A 86 -1.01 11.28 8.55
N PRO A 87 0.00 11.57 7.70
CA PRO A 87 1.41 11.26 8.04
C PRO A 87 1.82 11.79 9.41
N GLY A 88 2.56 10.98 10.17
CA GLY A 88 3.08 11.39 11.48
C GLY A 88 2.42 10.63 12.62
N ASN A 89 1.26 10.06 12.36
CA ASN A 89 0.51 9.36 13.39
C ASN A 89 0.96 7.88 13.59
N TYR A 90 1.04 7.14 12.49
CA TYR A 90 1.46 5.75 12.53
C TYR A 90 2.89 5.58 12.01
N LYS A 91 3.59 4.56 12.50
CA LYS A 91 4.96 4.31 12.05
C LYS A 91 5.01 3.16 11.05
N PRO A 92 5.86 3.28 10.02
CA PRO A 92 6.12 2.11 9.18
C PRO A 92 6.74 0.99 10.04
N ASN A 93 6.52 -0.25 9.65
CA ASN A 93 7.13 -1.38 10.33
C ASN A 93 8.16 -2.03 9.41
N VAL A 94 8.69 -3.18 9.81
CA VAL A 94 9.80 -3.83 9.11
C VAL A 94 9.45 -4.07 7.66
N THR A 95 8.16 -4.33 7.40
CA THR A 95 7.72 -4.60 6.04
C THR A 95 7.93 -3.39 5.12
N HIS A 96 7.56 -2.20 5.60
CA HIS A 96 7.76 -0.96 4.85
C HIS A 96 9.25 -0.66 4.64
N TYR A 97 10.06 -0.89 5.68
CA TYR A 97 11.51 -0.64 5.57
C TYR A 97 12.24 -1.65 4.67
N PHE A 98 11.71 -2.87 4.60
CA PHE A 98 12.21 -3.84 3.63
C PHE A 98 12.07 -3.35 2.19
N LEU A 99 10.90 -2.78 1.87
CA LEU A 99 10.65 -2.22 0.54
C LEU A 99 11.51 -0.98 0.27
N ARG A 100 11.75 -0.21 1.32
CA ARG A 100 12.61 0.96 1.23
C ARG A 100 14.06 0.56 0.91
N LEU A 101 14.52 -0.50 1.56
CA LEU A 101 15.84 -1.07 1.32
C LEU A 101 15.94 -1.62 -0.10
N LEU A 102 14.87 -2.26 -0.55
CA LEU A 102 14.77 -2.76 -1.92
C LEU A 102 14.95 -1.61 -2.92
N HIS A 103 14.34 -0.46 -2.61
CA HIS A 103 14.48 0.74 -3.42
C HIS A 103 15.90 1.30 -3.39
N ASP A 104 16.45 1.47 -2.18
CA ASP A 104 17.78 2.04 -1.97
C ASP A 104 18.89 1.25 -2.67
N LYS A 105 18.63 -0.03 -2.92
CA LYS A 105 19.60 -0.91 -3.57
C LYS A 105 19.35 -1.05 -5.08
N GLY A 106 18.48 -0.21 -5.61
CA GLY A 106 18.20 -0.18 -7.05
C GLY A 106 17.46 -1.40 -7.59
N LEU A 107 16.65 -2.06 -6.75
CA LEU A 107 15.96 -3.29 -7.14
C LEU A 107 14.47 -3.12 -7.40
N LEU A 108 13.91 -2.01 -6.91
CA LEU A 108 12.47 -1.77 -7.02
C LEU A 108 12.09 -1.07 -8.34
N LEU A 109 11.30 -1.75 -9.16
CA LEU A 109 10.74 -1.13 -10.35
C LEU A 109 9.51 -0.30 -9.98
N ARG A 110 8.61 -0.91 -9.22
CA ARG A 110 7.39 -0.24 -8.76
C ARG A 110 6.72 -0.97 -7.61
N LEU A 111 6.18 -0.19 -6.67
CA LEU A 111 5.40 -0.72 -5.55
C LEU A 111 3.94 -0.29 -5.71
N TYR A 112 3.07 -1.25 -6.01
CA TYR A 112 1.63 -1.03 -6.11
C TYR A 112 0.99 -1.26 -4.75
N THR A 113 0.30 -0.24 -4.23
CA THR A 113 -0.30 -0.37 -2.90
C THR A 113 -1.81 -0.17 -2.91
N GLN A 114 -2.49 -1.07 -2.21
CA GLN A 114 -3.92 -0.93 -1.94
C GLN A 114 -4.18 -0.12 -0.65
N ASN A 115 -3.12 0.16 0.11
CA ASN A 115 -3.27 0.88 1.37
C ASN A 115 -3.38 2.39 1.19
N ILE A 116 -4.17 3.01 2.06
CA ILE A 116 -4.29 4.46 2.05
C ILE A 116 -3.51 5.14 3.19
N ASP A 117 -2.91 4.33 4.06
CA ASP A 117 -2.17 4.86 5.22
C ASP A 117 -0.92 5.66 4.86
N GLY A 118 -0.44 5.55 3.63
CA GLY A 118 0.70 6.34 3.19
C GLY A 118 2.01 5.96 3.86
N LEU A 119 2.09 4.75 4.43
CA LEU A 119 3.29 4.36 5.17
C LEU A 119 4.50 4.04 4.28
N GLU A 120 4.25 3.71 3.02
CA GLU A 120 5.33 3.52 2.04
C GLU A 120 6.12 4.82 1.83
N ARG A 121 5.42 5.94 1.56
CA ARG A 121 6.02 7.28 1.52
C ARG A 121 6.74 7.66 2.80
N VAL A 122 6.08 7.46 3.95
CA VAL A 122 6.68 7.81 5.25
C VAL A 122 7.96 6.99 5.49
N SER A 123 8.03 5.79 4.91
CA SER A 123 9.23 4.96 5.01
C SER A 123 10.38 5.48 4.13
N GLY A 124 10.08 6.42 3.23
CA GLY A 124 11.12 7.05 2.42
C GLY A 124 11.19 6.59 0.97
N ILE A 125 10.18 5.86 0.52
CA ILE A 125 10.08 5.52 -0.90
C ILE A 125 9.48 6.72 -1.65
N PRO A 126 10.21 7.26 -2.67
CA PRO A 126 9.72 8.41 -3.43
C PRO A 126 8.46 8.10 -4.22
N ALA A 127 7.61 9.10 -4.40
CA ALA A 127 6.32 8.94 -5.09
C ALA A 127 6.45 8.31 -6.49
N SER A 128 7.55 8.58 -7.19
CA SER A 128 7.75 8.06 -8.55
C SER A 128 7.84 6.54 -8.62
N LYS A 129 8.27 5.90 -7.51
CA LYS A 129 8.29 4.45 -7.42
C LYS A 129 6.94 3.85 -6.98
N LEU A 130 6.01 4.71 -6.58
CA LEU A 130 4.74 4.26 -6.00
C LEU A 130 3.57 4.38 -6.95
N VAL A 131 2.71 3.36 -6.93
CA VAL A 131 1.37 3.50 -7.48
C VAL A 131 0.36 3.24 -6.36
N GLU A 132 -0.17 4.34 -5.82
CA GLU A 132 -1.14 4.31 -4.74
C GLU A 132 -2.50 4.16 -5.39
N ALA A 133 -2.92 2.91 -5.53
CA ALA A 133 -4.04 2.57 -6.39
C ALA A 133 -5.41 2.93 -5.82
N HIS A 134 -5.47 3.17 -4.51
CA HIS A 134 -6.70 3.64 -3.87
C HIS A 134 -6.58 5.08 -3.42
N GLY A 135 -5.55 5.76 -3.93
CA GLY A 135 -5.33 7.15 -3.64
C GLY A 135 -4.47 7.34 -2.41
N THR A 136 -4.34 8.59 -2.00
CA THR A 136 -3.36 8.98 -1.01
C THR A 136 -3.80 10.24 -0.28
N PHE A 137 -3.31 10.43 0.95
CA PHE A 137 -3.51 11.71 1.65
C PHE A 137 -2.40 12.71 1.32
N ALA A 138 -1.40 12.27 0.55
CA ALA A 138 -0.25 13.14 0.23
C ALA A 138 -0.63 14.27 -0.72
N SER A 139 -1.81 14.16 -1.33
CA SER A 139 -2.34 15.25 -2.16
C SER A 139 -3.86 15.35 -2.06
N ALA A 140 -4.39 16.48 -2.50
CA ALA A 140 -5.81 16.76 -2.40
C ALA A 140 -6.27 17.59 -3.59
N THR A 141 -7.58 17.64 -3.78
CA THR A 141 -8.16 18.24 -4.97
C THR A 141 -9.44 18.92 -4.58
N CYS A 142 -9.61 20.17 -5.02
CA CYS A 142 -10.88 20.85 -4.91
C CYS A 142 -11.95 20.09 -5.70
N THR A 143 -13.04 19.78 -5.02
CA THR A 143 -14.15 19.04 -5.60
C THR A 143 -14.96 19.85 -6.62
N VAL A 144 -14.75 21.17 -6.66
CA VAL A 144 -15.46 22.00 -7.64
C VAL A 144 -14.55 22.33 -8.85
N CYS A 145 -13.46 23.05 -8.63
CA CYS A 145 -12.64 23.56 -9.73
C CYS A 145 -11.51 22.58 -10.13
N GLN A 146 -11.33 21.52 -9.35
CA GLN A 146 -10.28 20.51 -9.58
C GLN A 146 -8.83 21.01 -9.35
N ARG A 147 -8.68 22.09 -8.60
CA ARG A 147 -7.34 22.55 -8.23
C ARG A 147 -6.63 21.52 -7.35
N PRO A 148 -5.39 21.13 -7.70
CA PRO A 148 -4.65 20.18 -6.88
C PRO A 148 -3.84 20.85 -5.76
N PHE A 149 -3.69 20.15 -4.63
CA PHE A 149 -2.97 20.67 -3.48
C PHE A 149 -2.07 19.61 -2.90
N PRO A 150 -0.86 19.98 -2.45
CA PRO A 150 -0.11 19.02 -1.64
C PRO A 150 -0.85 18.77 -0.34
N GLY A 151 -0.76 17.55 0.17
CA GLY A 151 -1.40 17.17 1.44
C GLY A 151 -1.06 18.09 2.61
N GLU A 152 0.18 18.56 2.65
CA GLU A 152 0.65 19.46 3.72
C GLU A 152 -0.11 20.78 3.74
N ASP A 153 -0.61 21.21 2.58
CA ASP A 153 -1.29 22.51 2.49
C ASP A 153 -2.66 22.56 3.14
N ILE A 154 -3.24 21.40 3.43
CA ILE A 154 -4.49 21.33 4.16
C ILE A 154 -4.34 20.68 5.55
N ARG A 155 -3.09 20.33 5.91
CA ARG A 155 -2.78 19.71 7.19
C ARG A 155 -3.37 20.46 8.41
N ALA A 156 -3.13 21.77 8.46
CA ALA A 156 -3.62 22.59 9.57
C ALA A 156 -5.13 22.47 9.78
N ASP A 157 -5.90 22.54 8.69
CA ASP A 157 -7.36 22.41 8.77
C ASP A 157 -7.79 21.02 9.22
N VAL A 158 -7.13 20.01 8.67
CA VAL A 158 -7.42 18.61 9.02
C VAL A 158 -7.12 18.33 10.51
N MET A 159 -5.98 18.80 11.01
CA MET A 159 -5.64 18.66 12.43
C MET A 159 -6.53 19.50 13.34
N ALA A 160 -7.13 20.56 12.80
CA ALA A 160 -7.98 21.46 13.58
C ALA A 160 -9.47 21.19 13.38
N ASP A 161 -9.80 20.08 12.70
CA ASP A 161 -11.17 19.68 12.39
C ASP A 161 -11.99 20.70 11.58
N ARG A 162 -11.31 21.47 10.75
CA ARG A 162 -11.97 22.32 9.76
C ARG A 162 -11.94 21.61 8.41
N VAL A 163 -13.05 21.67 7.69
CA VAL A 163 -13.17 21.13 6.36
C VAL A 163 -12.44 22.10 5.42
N PRO A 164 -11.28 21.68 4.87
CA PRO A 164 -10.46 22.62 4.09
C PRO A 164 -11.19 23.11 2.83
N ARG A 165 -10.90 24.35 2.44
CA ARG A 165 -11.62 24.98 1.34
C ARG A 165 -10.69 25.56 0.29
N CYS A 166 -11.22 25.66 -0.93
CA CYS A 166 -10.43 26.14 -2.05
C CYS A 166 -10.34 27.67 -2.01
N PRO A 167 -9.11 28.21 -1.97
CA PRO A 167 -8.89 29.66 -1.94
C PRO A 167 -9.55 30.32 -3.14
N VAL A 168 -9.45 29.66 -4.30
CA VAL A 168 -10.03 30.18 -5.54
C VAL A 168 -11.57 30.18 -5.50
N CYS A 169 -12.19 29.01 -5.34
CA CYS A 169 -13.64 28.88 -5.58
C CYS A 169 -14.49 28.50 -4.35
N THR A 170 -13.87 28.38 -3.18
CA THR A 170 -14.58 28.02 -1.92
C THR A 170 -15.08 26.57 -1.85
N GLY A 171 -14.78 25.77 -2.87
CA GLY A 171 -15.15 24.36 -2.84
C GLY A 171 -14.44 23.57 -1.75
N VAL A 172 -15.08 22.51 -1.28
CA VAL A 172 -14.45 21.58 -0.35
C VAL A 172 -13.25 20.92 -1.03
N VAL A 173 -12.12 20.90 -0.34
CA VAL A 173 -10.92 20.24 -0.82
C VAL A 173 -10.84 18.84 -0.21
N LYS A 174 -10.90 17.83 -1.09
CA LYS A 174 -10.94 16.44 -0.67
C LYS A 174 -9.61 15.74 -0.93
N PRO A 175 -9.06 15.06 0.09
CA PRO A 175 -7.91 14.16 -0.12
C PRO A 175 -8.10 13.17 -1.27
N ASP A 176 -7.00 12.88 -1.98
CA ASP A 176 -7.04 12.12 -3.22
C ASP A 176 -7.20 10.62 -2.99
N ILE A 177 -8.07 10.27 -2.04
CA ILE A 177 -8.49 8.89 -1.81
C ILE A 177 -9.56 8.57 -2.87
N VAL A 178 -9.46 7.37 -3.46
CA VAL A 178 -10.43 6.94 -4.45
C VAL A 178 -11.68 6.45 -3.70
N PHE A 179 -12.82 7.07 -4.01
CA PHE A 179 -14.11 6.70 -3.42
C PHE A 179 -14.83 5.66 -4.29
N PHE A 180 -15.75 4.91 -3.69
CA PHE A 180 -16.57 3.92 -4.43
C PHE A 180 -17.14 4.51 -5.71
N GLY A 181 -16.96 3.79 -6.82
CA GLY A 181 -17.48 4.21 -8.11
C GLY A 181 -16.64 5.20 -8.91
N GLU A 182 -15.55 5.67 -8.32
CA GLU A 182 -14.64 6.57 -9.04
C GLU A 182 -13.63 5.78 -9.89
N PRO A 183 -13.01 6.44 -10.89
CA PRO A 183 -11.94 5.78 -11.66
C PRO A 183 -10.67 5.67 -10.84
N LEU A 184 -9.90 4.60 -11.06
CA LEU A 184 -8.60 4.42 -10.43
C LEU A 184 -7.66 5.51 -10.91
N PRO A 185 -6.67 5.90 -10.09
CA PRO A 185 -5.82 7.03 -10.51
C PRO A 185 -5.12 6.78 -11.84
N GLN A 186 -4.72 7.85 -12.50
CA GLN A 186 -4.06 7.76 -13.80
C GLN A 186 -2.76 6.94 -13.73
N ARG A 187 -1.99 7.11 -12.66
CA ARG A 187 -0.74 6.37 -12.42
C ARG A 187 -0.91 4.85 -12.43
N PHE A 188 -2.13 4.37 -12.22
CA PHE A 188 -2.40 2.95 -12.28
C PHE A 188 -2.13 2.34 -13.67
N LEU A 189 -2.26 3.16 -14.71
CA LEU A 189 -1.98 2.73 -16.08
C LEU A 189 -0.50 2.40 -16.35
N LEU A 190 0.36 2.71 -15.39
CA LEU A 190 1.76 2.30 -15.42
C LEU A 190 1.92 0.77 -15.39
N HIS A 191 0.86 0.05 -15.06
CA HIS A 191 0.94 -1.42 -15.00
C HIS A 191 1.21 -2.03 -16.38
N VAL A 192 0.78 -1.29 -17.40
CA VAL A 192 0.90 -1.68 -18.79
C VAL A 192 2.36 -1.89 -19.17
N VAL A 193 3.24 -0.95 -18.77
CA VAL A 193 4.68 -1.12 -18.98
C VAL A 193 5.40 -1.90 -17.85
N ASP A 194 5.01 -1.66 -16.59
CA ASP A 194 5.70 -2.26 -15.44
C ASP A 194 5.69 -3.79 -15.44
N PHE A 195 4.52 -4.39 -15.66
CA PHE A 195 4.38 -5.82 -15.47
C PHE A 195 5.14 -6.69 -16.49
N PRO A 196 5.12 -6.33 -17.79
CA PRO A 196 5.99 -7.04 -18.75
C PRO A 196 7.49 -6.87 -18.46
N MET A 197 7.84 -5.77 -17.78
CA MET A 197 9.21 -5.46 -17.45
C MET A 197 9.69 -6.17 -16.17
N ALA A 198 8.76 -6.64 -15.34
CA ALA A 198 9.08 -7.24 -14.05
C ALA A 198 9.89 -8.52 -14.19
N ASP A 199 10.90 -8.70 -13.35
CA ASP A 199 11.63 -9.98 -13.33
C ASP A 199 11.45 -10.71 -12.00
N LEU A 200 10.70 -10.08 -11.10
CA LEU A 200 10.22 -10.69 -9.86
C LEU A 200 8.92 -10.02 -9.41
N LEU A 201 7.92 -10.82 -9.03
CA LEU A 201 6.67 -10.30 -8.44
C LEU A 201 6.60 -10.64 -6.97
N LEU A 202 6.52 -9.62 -6.13
CA LEU A 202 6.35 -9.77 -4.68
C LEU A 202 4.97 -9.33 -4.24
N ILE A 203 4.24 -10.22 -3.58
CA ILE A 203 2.92 -9.88 -3.08
C ILE A 203 2.93 -10.03 -1.56
N LEU A 204 2.68 -8.93 -0.86
CA LEU A 204 2.74 -8.91 0.60
C LEU A 204 1.42 -8.52 1.25
N GLY A 205 0.95 -9.34 2.18
CA GLY A 205 -0.22 -9.01 3.01
C GLY A 205 -1.47 -8.69 2.23
N THR A 206 -1.73 -9.48 1.20
CA THR A 206 -2.98 -9.45 0.43
C THR A 206 -2.98 -10.67 -0.47
N SER A 207 -4.15 -11.13 -0.87
CA SER A 207 -4.25 -12.22 -1.82
C SER A 207 -4.76 -11.73 -3.18
N LEU A 208 -4.88 -10.40 -3.32
CA LEU A 208 -5.28 -9.75 -4.56
C LEU A 208 -6.48 -10.40 -5.24
N GLU A 209 -7.53 -10.66 -4.48
CA GLU A 209 -8.71 -11.36 -5.01
C GLU A 209 -9.66 -10.50 -5.83
N VAL A 210 -9.62 -9.18 -5.66
CA VAL A 210 -10.52 -8.31 -6.41
C VAL A 210 -9.84 -7.70 -7.65
N GLU A 211 -10.60 -7.52 -8.72
CA GLU A 211 -10.11 -6.90 -9.94
C GLU A 211 -9.92 -5.40 -9.75
N PRO A 212 -9.02 -4.76 -10.51
CA PRO A 212 -8.15 -5.36 -11.54
C PRO A 212 -6.84 -5.94 -11.00
N PHE A 213 -6.66 -5.96 -9.68
CA PHE A 213 -5.44 -6.48 -9.05
C PHE A 213 -5.24 -7.97 -9.29
N ALA A 214 -6.35 -8.70 -9.31
CA ALA A 214 -6.38 -10.14 -9.54
C ALA A 214 -5.74 -10.54 -10.86
N SER A 215 -6.08 -9.81 -11.93
CA SER A 215 -5.56 -10.12 -13.26
C SER A 215 -4.07 -9.76 -13.40
N LEU A 216 -3.66 -8.70 -12.72
CA LEU A 216 -2.26 -8.24 -12.73
C LEU A 216 -1.28 -9.32 -12.29
N THR A 217 -1.69 -10.24 -11.41
CA THR A 217 -0.82 -11.33 -10.97
C THR A 217 -0.39 -12.22 -12.13
N GLU A 218 -1.16 -12.17 -13.22
CA GLU A 218 -0.89 -12.96 -14.40
C GLU A 218 -0.27 -12.15 -15.53
N ALA A 219 -0.07 -10.86 -15.30
CA ALA A 219 0.52 -9.98 -16.30
C ALA A 219 2.06 -10.15 -16.44
N VAL A 220 2.70 -10.79 -15.46
CA VAL A 220 4.15 -11.00 -15.52
C VAL A 220 4.44 -12.22 -16.40
N ARG A 221 5.63 -12.26 -16.99
CA ARG A 221 6.01 -13.38 -17.87
C ARG A 221 6.11 -14.69 -17.09
N SER A 222 5.93 -15.80 -17.80
CA SER A 222 5.90 -17.13 -17.18
C SER A 222 7.21 -17.60 -16.56
N SER A 223 8.33 -16.93 -16.87
CA SER A 223 9.60 -17.24 -16.22
C SER A 223 9.79 -16.48 -14.90
N VAL A 224 8.93 -15.50 -14.66
CA VAL A 224 9.07 -14.64 -13.49
C VAL A 224 8.54 -15.32 -12.21
N PRO A 225 9.40 -15.45 -11.18
CA PRO A 225 8.94 -15.96 -9.89
C PRO A 225 7.92 -15.02 -9.24
N ARG A 226 6.88 -15.59 -8.64
CA ARG A 226 5.92 -14.81 -7.86
C ARG A 226 6.03 -15.24 -6.40
N LEU A 227 6.39 -14.31 -5.54
CA LEU A 227 6.52 -14.62 -4.13
C LEU A 227 5.36 -14.00 -3.36
N LEU A 228 4.60 -14.87 -2.69
CA LEU A 228 3.48 -14.46 -1.86
C LEU A 228 3.88 -14.55 -0.38
N ILE A 229 3.84 -13.43 0.33
CA ILE A 229 3.96 -13.45 1.78
C ILE A 229 2.64 -12.97 2.38
N ASN A 230 1.89 -13.91 2.92
CA ASN A 230 0.50 -13.71 3.29
C ASN A 230 0.11 -14.79 4.26
N ARG A 231 -0.96 -14.56 5.02
CA ARG A 231 -1.47 -15.54 5.99
C ARG A 231 -1.73 -16.90 5.31
N ASP A 232 -2.42 -16.87 4.17
CA ASP A 232 -2.89 -18.09 3.49
C ASP A 232 -2.53 -18.08 2.00
N LEU A 233 -2.45 -19.27 1.41
CA LEU A 233 -2.32 -19.40 -0.03
C LEU A 233 -3.73 -19.52 -0.61
N VAL A 234 -4.29 -18.36 -0.97
CA VAL A 234 -5.63 -18.23 -1.51
C VAL A 234 -5.57 -17.12 -2.58
N GLY A 235 -6.67 -16.91 -3.30
CA GLY A 235 -6.68 -15.93 -4.38
C GLY A 235 -6.11 -16.50 -5.68
N PRO A 236 -5.97 -15.66 -6.72
CA PRO A 236 -5.47 -16.01 -8.05
C PRO A 236 -4.18 -16.84 -8.04
N LEU A 237 -3.24 -16.52 -7.15
CA LEU A 237 -2.02 -17.32 -7.03
C LEU A 237 -2.27 -18.77 -6.65
N ALA A 238 -3.27 -19.01 -5.81
CA ALA A 238 -3.64 -20.39 -5.49
C ALA A 238 -4.53 -21.00 -6.56
N TRP A 239 -5.34 -20.17 -7.23
CA TRP A 239 -6.25 -20.67 -8.27
C TRP A 239 -5.48 -21.08 -9.52
N HIS A 240 -4.44 -20.33 -9.86
CA HIS A 240 -3.64 -20.57 -11.06
C HIS A 240 -2.14 -20.54 -10.73
N PRO A 241 -1.65 -21.59 -10.07
CA PRO A 241 -0.23 -21.60 -9.70
C PRO A 241 0.69 -21.73 -10.92
N ARG A 242 1.92 -21.26 -10.76
CA ARG A 242 2.93 -21.35 -11.79
C ARG A 242 4.13 -22.03 -11.16
N SER A 243 4.97 -22.67 -11.99
CA SER A 243 6.04 -23.54 -11.47
C SER A 243 7.06 -22.77 -10.64
N ARG A 244 7.20 -21.48 -10.89
CA ARG A 244 8.15 -20.65 -10.16
C ARG A 244 7.48 -19.74 -9.12
N ASP A 245 6.35 -20.21 -8.57
CA ASP A 245 5.70 -19.53 -7.46
C ASP A 245 6.28 -20.02 -6.13
N VAL A 246 6.39 -19.11 -5.17
CA VAL A 246 6.82 -19.47 -3.85
C VAL A 246 5.79 -18.86 -2.91
N ALA A 247 5.38 -19.61 -1.90
CA ALA A 247 4.49 -19.08 -0.86
C ALA A 247 5.20 -19.08 0.51
N GLN A 248 5.23 -17.94 1.18
CA GLN A 248 5.67 -17.87 2.55
C GLN A 248 4.44 -17.51 3.42
N LEU A 249 3.93 -18.51 4.14
CA LEU A 249 2.64 -18.40 4.82
C LEU A 249 2.79 -18.11 6.30
N GLY A 250 1.74 -17.60 6.90
CA GLY A 250 1.78 -17.30 8.33
C GLY A 250 1.83 -15.81 8.54
N ASP A 251 2.66 -15.39 9.49
CA ASP A 251 2.75 -13.99 9.88
C ASP A 251 3.68 -13.22 8.92
N VAL A 252 3.17 -12.13 8.35
CA VAL A 252 3.92 -11.35 7.36
C VAL A 252 5.25 -10.83 7.91
N VAL A 253 5.24 -10.37 9.16
CA VAL A 253 6.43 -9.81 9.81
C VAL A 253 7.55 -10.85 9.87
N HIS A 254 7.22 -12.06 10.34
CA HIS A 254 8.16 -13.18 10.33
C HIS A 254 8.64 -13.59 8.94
N GLY A 255 7.73 -13.63 7.98
CA GLY A 255 8.06 -13.96 6.59
C GLY A 255 9.03 -12.96 5.98
N VAL A 256 8.78 -11.69 6.24
CA VAL A 256 9.63 -10.61 5.76
C VAL A 256 10.99 -10.68 6.45
N GLU A 257 11.00 -10.87 7.77
CA GLU A 257 12.25 -10.95 8.53
C GLU A 257 13.08 -12.17 8.15
N SER A 258 12.42 -13.28 7.82
CA SER A 258 13.11 -14.45 7.32
C SER A 258 13.79 -14.17 5.97
N LEU A 259 13.06 -13.48 5.08
CA LEU A 259 13.64 -13.09 3.79
C LEU A 259 14.82 -12.13 3.98
N VAL A 260 14.65 -11.14 4.85
CA VAL A 260 15.70 -10.17 5.16
C VAL A 260 17.00 -10.88 5.62
N GLU A 261 16.86 -11.87 6.50
CA GLU A 261 17.99 -12.65 6.99
C GLU A 261 18.66 -13.44 5.85
N LEU A 262 17.87 -14.15 5.06
CA LEU A 262 18.39 -14.92 3.93
C LEU A 262 19.10 -14.03 2.90
N LEU A 263 18.65 -12.78 2.80
CA LEU A 263 19.27 -11.78 1.91
C LEU A 263 20.59 -11.25 2.46
N GLY A 264 20.76 -11.32 3.77
CA GLY A 264 21.91 -10.75 4.45
C GLY A 264 21.76 -9.29 4.85
N TRP A 265 20.51 -8.84 4.98
CA TRP A 265 20.21 -7.42 5.23
C TRP A 265 19.83 -7.11 6.68
N THR A 266 19.93 -8.08 7.58
CA THR A 266 19.48 -7.88 8.96
C THR A 266 20.11 -6.68 9.66
N GLU A 267 21.45 -6.59 9.63
CA GLU A 267 22.18 -5.49 10.26
C GLU A 267 21.86 -4.18 9.56
N GLU A 268 21.75 -4.23 8.23
CA GLU A 268 21.40 -3.06 7.45
C GLU A 268 20.00 -2.54 7.78
N MET A 269 19.05 -3.48 7.95
CA MET A 269 17.67 -3.20 8.36
C MET A 269 17.60 -2.50 9.71
N ARG A 270 18.26 -3.09 10.70
CA ARG A 270 18.36 -2.55 12.06
C ARG A 270 18.91 -1.12 12.08
N ASP A 271 19.95 -0.85 11.30
CA ASP A 271 20.53 0.48 11.21
C ASP A 271 19.57 1.49 10.55
N LEU A 272 18.92 1.07 9.46
CA LEU A 272 17.92 1.89 8.79
C LEU A 272 16.75 2.25 9.72
N VAL A 273 16.17 1.23 10.37
CA VAL A 273 15.07 1.41 11.32
C VAL A 273 15.45 2.36 12.47
N GLN A 274 16.67 2.19 13.00
CA GLN A 274 17.22 3.05 14.05
C GLN A 274 17.20 4.51 13.59
N ARG A 275 17.90 4.77 12.49
CA ARG A 275 17.99 6.10 11.87
C ARG A 275 16.59 6.72 11.63
N GLU A 276 15.70 5.94 11.03
CA GLU A 276 14.38 6.45 10.62
C GLU A 276 13.45 6.77 11.79
N THR A 277 13.48 5.92 12.83
CA THR A 277 12.70 6.16 14.05
C THR A 277 13.07 7.52 14.67
N GLY A 278 14.35 7.88 14.59
CA GLY A 278 14.82 9.18 15.05
C GLY A 278 14.51 10.30 14.06
N LYS A 279 13.26 10.38 13.63
CA LYS A 279 12.78 11.47 12.75
C LYS A 279 11.30 11.79 13.00
#